data_3I0W
#
_entry.id   3I0W
#
_cell.length_a   92.400
_cell.length_b   92.400
_cell.length_c   191.050
_cell.angle_alpha   90.00
_cell.angle_beta   90.00
_cell.angle_gamma   120.00
#
_symmetry.space_group_name_H-M   'P 65 2 2'
#
loop_
_entity.id
_entity.type
_entity.pdbx_description
1 polymer 8-oxoguanine-DNA-glycosylase
2 polymer "5'-D(*AP*TP*CP*CP*AP*(8OG)P*GP*TP*CP*TP*AP*CP*C)-3'"
3 polymer "5'-D(*GP*GP*TP*AP*GP*AP*CP*CP*TP*GP*GP*A)-3'"
4 non-polymer 1,2-ETHANEDIOL
5 non-polymer 'SODIUM ION'
6 water water
#
loop_
_entity_poly.entity_id
_entity_poly.type
_entity_poly.pdbx_seq_one_letter_code
_entity_poly.pdbx_strand_id
1 'polypeptide(L)'
;MDFDMIEEKKDSVIVRNVENFELKDIFDCGQCFRWHRQENGNYIGIAFEKVVEVQKIGEDVVIYNINEEEFKNVWSEYFD
LYRDYGEIKKELSRDPLLKKSVDFGEGIRILRQDPFEILLSFIISANNRIPMIKKCINNISEKAGKKLEYKGKIYYAFPT
VDKLHEFTEKDFEECTAGFRAKYLKDTVDRIYNGELNLEYIKSLNDNECHEELKKFMGVGPQVADCIMLFSMQKYSAFPV
DTWVKKAMMSLYVAPDVSLKKIRDFGREKFGSLSGFAQQYLFYYARENNI
;
A
2 'polydeoxyribonucleotide' (DA)(DT)(DC)(DC)(DA)(8OG)(DG)(DT)(DC)(DT)(DA)(DC)(DC) B
3 'polydeoxyribonucleotide' (DG)(DG)(DT)(DA)(DG)(DA)(DC)(DC)(DT)(DG)(DG)(DA) C
#
# COMPACT_ATOMS: atom_id res chain seq x y z
N MET A 1 -9.67 -16.83 -8.79
CA MET A 1 -9.80 -15.96 -7.59
C MET A 1 -9.43 -16.76 -6.35
N ASP A 2 -8.97 -16.07 -5.30
CA ASP A 2 -8.59 -16.74 -4.07
C ASP A 2 -9.67 -16.87 -3.00
N PHE A 3 -10.90 -17.11 -3.45
CA PHE A 3 -12.05 -17.32 -2.57
C PHE A 3 -13.09 -17.96 -3.48
N ASP A 4 -14.17 -18.52 -2.95
CA ASP A 4 -15.13 -19.11 -3.86
C ASP A 4 -16.53 -18.52 -3.78
N MET A 5 -16.96 -18.13 -2.59
CA MET A 5 -18.28 -17.54 -2.43
C MET A 5 -18.32 -16.61 -1.23
N ILE A 6 -19.39 -15.84 -1.12
CA ILE A 6 -19.55 -14.92 0.00
C ILE A 6 -20.95 -15.02 0.55
N GLU A 7 -21.11 -14.58 1.78
CA GLU A 7 -22.41 -14.58 2.45
C GLU A 7 -22.62 -13.22 3.09
N GLU A 8 -23.63 -12.50 2.61
CA GLU A 8 -23.95 -11.19 3.16
C GLU A 8 -24.78 -11.32 4.43
N LYS A 9 -24.22 -10.84 5.54
CA LYS A 9 -24.93 -10.87 6.81
C LYS A 9 -25.49 -9.48 7.09
N LYS A 10 -26.13 -9.32 8.23
CA LYS A 10 -26.73 -8.03 8.59
C LYS A 10 -25.71 -6.93 8.79
N ASP A 11 -24.60 -7.24 9.46
CA ASP A 11 -23.56 -6.25 9.76
C ASP A 11 -22.25 -6.47 9.03
N SER A 12 -22.19 -7.45 8.13
CA SER A 12 -20.94 -7.73 7.43
C SER A 12 -21.10 -8.67 6.25
N VAL A 13 -19.96 -9.12 5.73
CA VAL A 13 -19.92 -10.05 4.60
C VAL A 13 -18.86 -11.09 4.92
N ILE A 14 -19.22 -12.36 4.74
CA ILE A 14 -18.28 -13.44 5.00
C ILE A 14 -17.75 -13.97 3.67
N VAL A 15 -16.44 -13.97 3.54
CA VAL A 15 -15.80 -14.47 2.32
C VAL A 15 -15.34 -15.88 2.64
N ARG A 16 -15.87 -16.85 1.89
CA ARG A 16 -15.56 -18.27 2.09
C ARG A 16 -14.42 -18.82 1.25
N ASN A 17 -13.79 -19.90 1.74
CA ASN A 17 -12.71 -20.58 1.04
C ASN A 17 -11.56 -19.65 0.63
N VAL A 18 -11.13 -18.76 1.52
CA VAL A 18 -10.04 -17.85 1.18
C VAL A 18 -8.67 -18.51 1.29
N GLU A 19 -7.79 -18.20 0.33
CA GLU A 19 -6.44 -18.75 0.32
C GLU A 19 -5.43 -17.61 0.17
N ASN A 20 -4.21 -17.83 0.69
CA ASN A 20 -3.14 -16.84 0.62
C ASN A 20 -3.63 -15.51 1.16
N PHE A 21 -4.12 -15.53 2.39
CA PHE A 21 -4.69 -14.34 3.01
C PHE A 21 -4.50 -14.39 4.53
N GLU A 22 -3.51 -13.66 5.03
CA GLU A 22 -3.29 -13.60 6.47
C GLU A 22 -3.23 -12.13 6.85
N LEU A 23 -3.96 -11.75 7.89
CA LEU A 23 -4.03 -10.35 8.30
C LEU A 23 -2.71 -9.64 8.60
N LYS A 24 -1.86 -10.24 9.43
CA LYS A 24 -0.60 -9.58 9.73
C LYS A 24 0.25 -9.38 8.47
N ASP A 25 0.30 -10.41 7.63
CA ASP A 25 1.07 -10.35 6.40
C ASP A 25 0.60 -9.21 5.51
N ILE A 26 -0.72 -9.08 5.36
CA ILE A 26 -1.29 -8.04 4.52
C ILE A 26 -1.14 -6.62 5.08
N PHE A 27 -1.56 -6.44 6.31
CA PHE A 27 -1.53 -5.10 6.91
C PHE A 27 -0.23 -4.61 7.50
N ASP A 28 0.70 -5.50 7.81
CA ASP A 28 1.96 -5.07 8.38
C ASP A 28 3.17 -5.25 7.49
N CYS A 29 2.95 -5.58 6.22
CA CYS A 29 4.07 -5.77 5.31
C CYS A 29 4.66 -4.47 4.77
N GLY A 30 4.14 -3.34 5.22
CA GLY A 30 4.66 -2.04 4.81
C GLY A 30 3.88 -1.25 3.77
N GLN A 31 2.97 -1.90 3.07
CA GLN A 31 2.20 -1.26 2.01
C GLN A 31 1.10 -0.29 2.41
N CYS A 32 0.61 -0.38 3.64
CA CYS A 32 -0.47 0.49 4.08
C CYS A 32 -0.23 1.13 5.44
N PHE A 33 -0.91 2.24 5.67
CA PHE A 33 -0.71 3.01 6.90
C PHE A 33 -1.94 3.27 7.76
N ARG A 34 -3.13 2.92 7.28
CA ARG A 34 -4.32 3.19 8.07
C ARG A 34 -5.05 1.97 8.61
N TRP A 35 -4.32 0.87 8.81
CA TRP A 35 -4.91 -0.34 9.37
C TRP A 35 -4.29 -0.53 10.73
N HIS A 36 -5.11 -0.76 11.76
N HIS A 36 -5.12 -0.76 11.74
CA HIS A 36 -4.59 -0.93 13.11
CA HIS A 36 -4.65 -0.93 13.11
C HIS A 36 -5.04 -2.25 13.72
C HIS A 36 -5.05 -2.28 13.71
N ARG A 37 -4.07 -3.01 14.23
CA ARG A 37 -4.35 -4.30 14.85
C ARG A 37 -5.09 -4.13 16.16
N GLN A 38 -6.13 -4.94 16.36
CA GLN A 38 -6.92 -4.88 17.57
C GLN A 38 -6.42 -5.94 18.54
N GLU A 39 -6.76 -5.77 19.81
CA GLU A 39 -6.34 -6.71 20.86
C GLU A 39 -6.63 -8.16 20.49
N ASN A 40 -7.80 -8.39 19.88
CA ASN A 40 -8.21 -9.74 19.50
C ASN A 40 -7.63 -10.26 18.18
N GLY A 41 -6.74 -9.50 17.56
CA GLY A 41 -6.16 -9.95 16.31
C GLY A 41 -6.80 -9.39 15.06
N ASN A 42 -7.98 -8.78 15.21
CA ASN A 42 -8.66 -8.19 14.07
C ASN A 42 -7.92 -6.92 13.70
N TYR A 43 -8.26 -6.34 12.55
CA TYR A 43 -7.66 -5.10 12.10
C TYR A 43 -8.78 -4.15 11.68
N ILE A 44 -8.67 -2.90 12.09
CA ILE A 44 -9.66 -1.90 11.70
C ILE A 44 -8.93 -0.91 10.81
N GLY A 45 -9.52 -0.58 9.68
CA GLY A 45 -8.88 0.35 8.78
C GLY A 45 -9.83 1.36 8.16
N ILE A 46 -9.25 2.42 7.59
N ILE A 46 -9.24 2.41 7.60
CA ILE A 46 -10.04 3.46 6.96
CA ILE A 46 -10.02 3.46 6.96
C ILE A 46 -9.55 3.63 5.52
C ILE A 46 -9.55 3.63 5.52
N ALA A 47 -10.43 3.36 4.57
CA ALA A 47 -10.10 3.48 3.15
C ALA A 47 -11.36 3.77 2.37
N PHE A 48 -11.21 4.53 1.29
CA PHE A 48 -12.34 4.90 0.44
C PHE A 48 -13.53 5.41 1.25
N GLU A 49 -13.24 6.32 2.16
CA GLU A 49 -14.26 6.95 3.01
C GLU A 49 -15.13 5.98 3.80
N LYS A 50 -14.54 4.87 4.22
CA LYS A 50 -15.26 3.88 5.00
C LYS A 50 -14.39 3.27 6.08
N VAL A 51 -15.02 2.84 7.16
CA VAL A 51 -14.31 2.17 8.24
C VAL A 51 -14.66 0.71 8.07
N VAL A 52 -13.63 -0.13 8.03
CA VAL A 52 -13.83 -1.57 7.84
C VAL A 52 -13.04 -2.36 8.87
N GLU A 53 -13.61 -3.45 9.35
CA GLU A 53 -12.92 -4.31 10.30
C GLU A 53 -12.82 -5.69 9.68
N VAL A 54 -11.63 -6.28 9.71
CA VAL A 54 -11.45 -7.59 9.11
C VAL A 54 -10.98 -8.62 10.12
N GLN A 55 -11.59 -9.80 10.07
CA GLN A 55 -11.25 -10.90 10.96
C GLN A 55 -11.10 -12.17 10.14
N LYS A 56 -10.09 -12.97 10.50
CA LYS A 56 -9.84 -14.23 9.81
C LYS A 56 -10.11 -15.35 10.79
N ILE A 57 -11.00 -16.27 10.42
CA ILE A 57 -11.31 -17.41 11.27
C ILE A 57 -11.24 -18.65 10.41
N GLY A 58 -10.15 -19.40 10.55
CA GLY A 58 -9.98 -20.59 9.75
C GLY A 58 -9.82 -20.19 8.29
N GLU A 59 -10.62 -20.77 7.42
CA GLU A 59 -10.55 -20.48 5.99
C GLU A 59 -11.51 -19.37 5.57
N ASP A 60 -12.16 -18.75 6.55
CA ASP A 60 -13.11 -17.67 6.25
C ASP A 60 -12.64 -16.31 6.71
N VAL A 61 -12.99 -15.29 5.93
CA VAL A 61 -12.65 -13.92 6.24
C VAL A 61 -13.97 -13.17 6.45
N VAL A 62 -14.07 -12.47 7.56
CA VAL A 62 -15.27 -11.69 7.84
C VAL A 62 -14.92 -10.22 7.70
N ILE A 63 -15.64 -9.52 6.83
CA ILE A 63 -15.40 -8.10 6.64
C ILE A 63 -16.59 -7.34 7.20
N TYR A 64 -16.41 -6.73 8.36
CA TYR A 64 -17.47 -5.98 9.02
C TYR A 64 -17.70 -4.59 8.43
N ASN A 65 -18.94 -4.13 8.54
CA ASN A 65 -19.37 -2.82 8.08
C ASN A 65 -19.50 -2.61 6.57
N ILE A 66 -19.73 -3.69 5.82
CA ILE A 66 -19.92 -3.59 4.38
C ILE A 66 -21.00 -4.60 3.96
N ASN A 67 -21.58 -4.38 2.79
CA ASN A 67 -22.60 -5.29 2.28
C ASN A 67 -22.08 -5.94 1.00
N GLU A 68 -22.89 -6.77 0.37
CA GLU A 68 -22.47 -7.46 -0.85
C GLU A 68 -22.18 -6.53 -2.02
N GLU A 69 -22.97 -5.48 -2.18
CA GLU A 69 -22.75 -4.54 -3.27
C GLU A 69 -21.38 -3.89 -3.13
N GLU A 70 -21.02 -3.54 -1.89
CA GLU A 70 -19.74 -2.90 -1.61
C GLU A 70 -18.58 -3.88 -1.81
N PHE A 71 -18.79 -5.15 -1.49
CA PHE A 71 -17.76 -6.15 -1.67
C PHE A 71 -17.46 -6.28 -3.16
N LYS A 72 -18.52 -6.39 -3.96
CA LYS A 72 -18.38 -6.52 -5.40
C LYS A 72 -17.70 -5.35 -6.09
N ASN A 73 -18.12 -4.14 -5.75
CA ASN A 73 -17.59 -2.95 -6.41
C ASN A 73 -16.36 -2.30 -5.79
N VAL A 74 -16.05 -2.63 -4.54
CA VAL A 74 -14.89 -2.03 -3.88
C VAL A 74 -13.91 -2.95 -3.17
N TRP A 75 -14.40 -3.65 -2.16
CA TRP A 75 -13.51 -4.48 -1.35
C TRP A 75 -12.92 -5.74 -1.95
N SER A 76 -13.60 -6.37 -2.91
CA SER A 76 -13.05 -7.57 -3.53
C SER A 76 -11.75 -7.19 -4.24
N GLU A 77 -11.76 -6.06 -4.96
CA GLU A 77 -10.55 -5.61 -5.64
C GLU A 77 -9.55 -5.00 -4.65
N TYR A 78 -10.06 -4.36 -3.60
CA TYR A 78 -9.16 -3.76 -2.61
C TYR A 78 -8.20 -4.81 -2.07
N PHE A 79 -8.73 -6.00 -1.78
CA PHE A 79 -7.90 -7.09 -1.26
C PHE A 79 -7.32 -7.97 -2.36
N ASP A 80 -7.41 -7.47 -3.61
CA ASP A 80 -6.89 -8.16 -4.79
C ASP A 80 -7.31 -9.62 -4.83
N LEU A 81 -8.56 -9.87 -4.45
CA LEU A 81 -9.09 -11.23 -4.37
C LEU A 81 -9.28 -12.00 -5.67
N TYR A 82 -9.19 -11.32 -6.81
CA TYR A 82 -9.37 -12.01 -8.09
C TYR A 82 -8.07 -12.59 -8.63
N ARG A 83 -6.96 -12.23 -7.99
N ARG A 83 -6.96 -12.22 -8.00
CA ARG A 83 -5.64 -12.70 -8.38
CA ARG A 83 -5.66 -12.74 -8.40
C ARG A 83 -5.27 -13.97 -7.60
C ARG A 83 -5.34 -14.01 -7.62
N ASP A 84 -4.76 -14.97 -8.30
CA ASP A 84 -4.36 -16.24 -7.67
C ASP A 84 -2.92 -16.13 -7.17
N TYR A 85 -2.76 -15.82 -5.89
CA TYR A 85 -1.41 -15.69 -5.33
C TYR A 85 -0.64 -16.99 -5.22
N GLY A 86 -1.34 -18.12 -5.34
CA GLY A 86 -0.66 -19.39 -5.28
C GLY A 86 0.29 -19.51 -6.47
N GLU A 87 -0.16 -19.02 -7.63
CA GLU A 87 0.64 -19.06 -8.85
C GLU A 87 1.82 -18.09 -8.72
N ILE A 88 1.57 -16.93 -8.12
CA ILE A 88 2.65 -15.96 -7.94
C ILE A 88 3.76 -16.56 -7.09
N LYS A 89 3.38 -17.15 -5.96
CA LYS A 89 4.36 -17.76 -5.06
C LYS A 89 5.06 -18.95 -5.67
N LYS A 90 4.34 -19.71 -6.49
CA LYS A 90 4.92 -20.88 -7.13
C LYS A 90 6.04 -20.45 -8.08
N GLU A 91 5.76 -19.42 -8.88
CA GLU A 91 6.73 -18.90 -9.83
C GLU A 91 7.96 -18.32 -9.12
N LEU A 92 7.72 -17.45 -8.15
CA LEU A 92 8.82 -16.83 -7.42
C LEU A 92 9.67 -17.84 -6.65
N SER A 93 9.03 -18.84 -6.07
CA SER A 93 9.73 -19.85 -5.29
C SER A 93 10.66 -20.74 -6.11
N ARG A 94 10.61 -20.61 -7.43
CA ARG A 94 11.48 -21.40 -8.30
C ARG A 94 12.90 -20.90 -8.06
N ASP A 95 13.00 -19.69 -7.52
CA ASP A 95 14.28 -19.07 -7.20
C ASP A 95 14.53 -19.38 -5.74
N PRO A 96 15.49 -20.28 -5.44
CA PRO A 96 15.82 -20.66 -4.07
C PRO A 96 16.15 -19.48 -3.16
N LEU A 97 16.67 -18.41 -3.75
CA LEU A 97 17.05 -17.24 -2.96
C LEU A 97 15.83 -16.48 -2.44
N LEU A 98 14.69 -16.64 -3.11
CA LEU A 98 13.46 -15.97 -2.70
C LEU A 98 12.60 -16.81 -1.78
N LYS A 99 12.86 -18.12 -1.77
CA LYS A 99 12.11 -19.08 -0.97
C LYS A 99 11.82 -18.68 0.48
N LYS A 100 12.87 -18.39 1.26
CA LYS A 100 12.69 -18.02 2.65
C LYS A 100 11.77 -16.83 2.84
N SER A 101 11.91 -15.82 1.98
CA SER A 101 11.07 -14.62 2.08
C SER A 101 9.62 -14.94 1.76
N VAL A 102 9.41 -15.72 0.70
CA VAL A 102 8.06 -16.10 0.31
C VAL A 102 7.43 -16.92 1.44
N ASP A 103 8.16 -17.88 1.98
CA ASP A 103 7.65 -18.72 3.07
C ASP A 103 7.23 -17.89 4.29
N PHE A 104 8.00 -16.83 4.57
CA PHE A 104 7.73 -15.97 5.71
C PHE A 104 6.48 -15.10 5.54
N GLY A 105 6.20 -14.70 4.30
CA GLY A 105 5.04 -13.85 4.05
C GLY A 105 4.02 -14.49 3.13
N GLU A 106 3.74 -15.78 3.34
CA GLU A 106 2.79 -16.54 2.53
C GLU A 106 1.43 -15.87 2.34
N GLY A 107 0.97 -15.15 3.36
CA GLY A 107 -0.33 -14.51 3.31
C GLY A 107 -0.40 -13.10 2.79
N ILE A 108 0.68 -12.60 2.19
CA ILE A 108 0.69 -11.24 1.66
C ILE A 108 -0.16 -11.13 0.39
N ARG A 109 -0.87 -10.00 0.28
CA ARG A 109 -1.64 -9.68 -0.91
C ARG A 109 -1.38 -8.18 -1.09
N ILE A 110 -1.24 -7.74 -2.34
CA ILE A 110 -1.00 -6.32 -2.61
C ILE A 110 -2.35 -5.63 -2.76
N LEU A 111 -2.69 -4.79 -1.78
CA LEU A 111 -3.95 -4.06 -1.78
C LEU A 111 -4.04 -3.09 -2.96
N ARG A 112 -5.26 -2.85 -3.44
CA ARG A 112 -5.48 -1.90 -4.53
C ARG A 112 -5.99 -0.63 -3.85
N GLN A 113 -5.05 0.24 -3.49
CA GLN A 113 -5.38 1.46 -2.78
C GLN A 113 -5.61 2.68 -3.67
N ASP A 114 -6.11 3.74 -3.07
CA ASP A 114 -6.40 4.98 -3.80
C ASP A 114 -5.15 5.75 -4.20
N PRO A 115 -5.03 6.13 -5.48
CA PRO A 115 -3.86 6.88 -5.96
C PRO A 115 -3.54 8.16 -5.20
N PHE A 116 -4.53 9.02 -4.98
CA PHE A 116 -4.28 10.28 -4.27
C PHE A 116 -3.78 10.07 -2.85
N GLU A 117 -4.45 9.21 -2.08
CA GLU A 117 -4.01 8.95 -0.72
C GLU A 117 -2.60 8.37 -0.72
N ILE A 118 -2.35 7.43 -1.63
CA ILE A 118 -1.04 6.77 -1.71
C ILE A 118 0.07 7.71 -2.16
N LEU A 119 -0.26 8.60 -3.09
CA LEU A 119 0.71 9.58 -3.58
C LEU A 119 1.24 10.40 -2.39
N LEU A 120 0.32 10.96 -1.61
CA LEU A 120 0.72 11.77 -0.48
C LEU A 120 1.35 10.92 0.63
N SER A 121 0.80 9.74 0.86
CA SER A 121 1.32 8.85 1.91
C SER A 121 2.77 8.48 1.68
N PHE A 122 3.15 8.17 0.44
CA PHE A 122 4.53 7.80 0.23
C PHE A 122 5.50 8.96 0.08
N ILE A 123 4.98 10.15 -0.18
CA ILE A 123 5.86 11.32 -0.22
C ILE A 123 6.28 11.48 1.24
N ILE A 124 5.33 11.28 2.15
CA ILE A 124 5.58 11.38 3.58
C ILE A 124 6.55 10.28 4.05
N SER A 125 6.53 9.13 3.38
CA SER A 125 7.37 8.00 3.76
C SER A 125 8.88 8.16 3.57
N ALA A 126 9.28 9.07 2.68
CA ALA A 126 10.70 9.28 2.40
C ALA A 126 11.54 9.60 3.62
N ASN A 127 12.62 8.84 3.82
CA ASN A 127 13.53 9.06 4.94
C ASN A 127 12.72 9.26 6.23
N ASN A 128 11.78 8.34 6.47
CA ASN A 128 10.90 8.43 7.63
C ASN A 128 10.65 7.03 8.22
N ARG A 129 10.09 6.99 9.43
CA ARG A 129 9.78 5.73 10.10
C ARG A 129 8.27 5.51 10.01
N ILE A 130 7.86 4.27 9.75
CA ILE A 130 6.45 3.95 9.61
C ILE A 130 5.52 4.51 10.71
N PRO A 131 5.92 4.41 11.99
CA PRO A 131 5.03 4.95 13.02
C PRO A 131 4.74 6.43 12.81
N MET A 132 5.76 7.18 12.40
CA MET A 132 5.61 8.61 12.16
C MET A 132 4.78 8.87 10.92
N ILE A 133 4.94 8.02 9.91
CA ILE A 133 4.18 8.15 8.68
C ILE A 133 2.70 7.97 8.98
N LYS A 134 2.39 6.94 9.78
CA LYS A 134 1.01 6.67 10.16
C LYS A 134 0.40 7.86 10.90
N LYS A 135 1.15 8.42 11.83
CA LYS A 135 0.65 9.57 12.61
C LYS A 135 0.33 10.76 11.71
N CYS A 136 1.24 11.08 10.79
CA CYS A 136 1.06 12.21 9.90
C CYS A 136 -0.17 12.03 9.02
N ILE A 137 -0.37 10.83 8.50
CA ILE A 137 -1.51 10.54 7.64
C ILE A 137 -2.81 10.68 8.43
N ASN A 138 -2.82 10.17 9.66
CA ASN A 138 -4.02 10.27 10.47
C ASN A 138 -4.30 11.72 10.87
N ASN A 139 -3.23 12.48 11.13
CA ASN A 139 -3.40 13.89 11.51
C ASN A 139 -3.99 14.67 10.35
N ILE A 140 -3.51 14.40 9.15
CA ILE A 140 -4.03 15.06 7.97
C ILE A 140 -5.52 14.77 7.83
N SER A 141 -5.90 13.51 8.06
CA SER A 141 -7.28 13.08 7.96
C SER A 141 -8.16 13.74 9.03
N GLU A 142 -7.65 13.79 10.26
CA GLU A 142 -8.39 14.41 11.35
C GLU A 142 -8.62 15.90 11.08
N LYS A 143 -7.62 16.55 10.50
CA LYS A 143 -7.71 17.98 10.24
C LYS A 143 -8.73 18.36 9.18
N ALA A 144 -8.90 17.56 8.14
CA ALA A 144 -9.85 17.91 7.07
C ALA A 144 -10.67 16.77 6.46
N GLY A 145 -10.67 15.61 7.10
CA GLY A 145 -11.43 14.49 6.56
C GLY A 145 -12.85 14.41 7.08
N LYS A 146 -13.69 13.66 6.37
CA LYS A 146 -15.08 13.47 6.77
C LYS A 146 -15.17 12.57 8.00
N LYS A 147 -16.12 12.87 8.89
CA LYS A 147 -16.32 12.08 10.10
C LYS A 147 -17.02 10.76 9.78
N LEU A 148 -16.50 9.67 10.35
CA LEU A 148 -17.07 8.34 10.16
C LEU A 148 -17.28 7.73 11.54
N GLU A 149 -18.41 7.06 11.75
CA GLU A 149 -18.67 6.44 13.04
C GLU A 149 -18.67 4.92 12.95
N TYR A 150 -18.00 4.29 13.89
CA TYR A 150 -17.92 2.83 13.95
C TYR A 150 -17.65 2.38 15.39
N LYS A 151 -18.59 1.62 15.94
CA LYS A 151 -18.49 1.11 17.31
C LYS A 151 -18.15 2.16 18.37
N GLY A 152 -18.87 3.28 18.35
CA GLY A 152 -18.65 4.31 19.35
C GLY A 152 -17.51 5.30 19.15
N LYS A 153 -16.66 5.04 18.16
CA LYS A 153 -15.53 5.94 17.90
C LYS A 153 -15.68 6.67 16.57
N ILE A 154 -15.17 7.89 16.51
CA ILE A 154 -15.22 8.69 15.30
C ILE A 154 -13.89 8.56 14.57
N TYR A 155 -13.95 8.09 13.34
CA TYR A 155 -12.76 7.93 12.51
C TYR A 155 -12.82 9.03 11.47
N TYR A 156 -11.69 9.35 10.85
CA TYR A 156 -11.67 10.39 9.84
C TYR A 156 -11.18 9.86 8.50
N ALA A 157 -12.00 10.07 7.47
CA ALA A 157 -11.65 9.65 6.12
C ALA A 157 -10.50 10.51 5.61
N PHE A 158 -9.78 10.02 4.60
CA PHE A 158 -8.70 10.81 4.05
C PHE A 158 -9.39 11.99 3.37
N PRO A 159 -8.80 13.20 3.43
CA PRO A 159 -9.39 14.39 2.82
C PRO A 159 -9.54 14.34 1.30
N THR A 160 -10.52 15.08 0.80
CA THR A 160 -10.76 15.18 -0.64
C THR A 160 -9.69 16.12 -1.18
N VAL A 161 -9.53 16.15 -2.50
CA VAL A 161 -8.55 17.03 -3.11
C VAL A 161 -8.87 18.49 -2.76
N ASP A 162 -10.14 18.85 -2.86
CA ASP A 162 -10.57 20.22 -2.57
C ASP A 162 -10.21 20.65 -1.15
N LYS A 163 -10.45 19.76 -0.18
CA LYS A 163 -10.14 20.07 1.21
C LYS A 163 -8.63 20.16 1.46
N LEU A 164 -7.87 19.27 0.84
CA LEU A 164 -6.43 19.29 1.01
C LEU A 164 -5.78 20.48 0.32
N HIS A 165 -6.45 21.04 -0.69
CA HIS A 165 -5.93 22.20 -1.39
C HIS A 165 -6.01 23.43 -0.49
N GLU A 166 -6.79 23.32 0.58
CA GLU A 166 -6.95 24.41 1.53
C GLU A 166 -5.77 24.50 2.49
N PHE A 167 -4.97 23.42 2.54
CA PHE A 167 -3.80 23.36 3.42
C PHE A 167 -2.69 24.32 3.01
N THR A 168 -2.06 24.95 3.99
CA THR A 168 -0.92 25.81 3.74
C THR A 168 0.26 24.92 4.09
N GLU A 169 1.47 25.34 3.75
CA GLU A 169 2.64 24.53 4.09
C GLU A 169 2.68 24.33 5.60
N LYS A 170 2.31 25.37 6.33
CA LYS A 170 2.29 25.31 7.79
C LYS A 170 1.33 24.24 8.29
N ASP A 171 0.17 24.12 7.64
CA ASP A 171 -0.81 23.11 8.04
C ASP A 171 -0.20 21.72 7.96
N PHE A 172 0.56 21.45 6.91
CA PHE A 172 1.20 20.15 6.75
C PHE A 172 2.26 19.95 7.82
N GLU A 173 2.98 21.02 8.16
CA GLU A 173 4.01 20.95 9.18
C GLU A 173 3.39 20.61 10.53
N GLU A 174 2.20 21.15 10.78
CA GLU A 174 1.50 20.89 12.03
C GLU A 174 1.06 19.44 12.13
N CYS A 175 0.76 18.83 10.98
CA CYS A 175 0.34 17.43 10.96
C CYS A 175 1.58 16.56 11.07
N THR A 176 2.72 17.25 11.16
CA THR A 176 4.08 16.72 11.27
C THR A 176 4.63 15.99 10.05
N ALA A 177 4.64 16.71 8.94
CA ALA A 177 5.17 16.20 7.69
C ALA A 177 6.64 16.59 7.62
N GLY A 178 7.08 17.43 8.56
CA GLY A 178 8.47 17.86 8.56
C GLY A 178 8.81 18.63 7.31
N PHE A 179 10.02 18.43 6.80
CA PHE A 179 10.49 19.11 5.60
C PHE A 179 9.71 18.73 4.35
N ARG A 180 8.91 17.68 4.44
CA ARG A 180 8.13 17.22 3.28
C ARG A 180 6.87 18.05 3.07
N ALA A 181 6.60 18.95 4.01
CA ALA A 181 5.42 19.80 3.92
C ALA A 181 5.36 20.56 2.59
N LYS A 182 6.48 21.12 2.16
CA LYS A 182 6.49 21.85 0.90
C LYS A 182 6.19 20.95 -0.29
N TYR A 183 6.63 19.70 -0.22
CA TYR A 183 6.39 18.76 -1.31
C TYR A 183 4.90 18.41 -1.40
N LEU A 184 4.28 18.22 -0.24
CA LEU A 184 2.86 17.89 -0.19
C LEU A 184 2.01 19.05 -0.73
N LYS A 185 2.35 20.26 -0.31
CA LYS A 185 1.61 21.44 -0.77
C LYS A 185 1.74 21.60 -2.29
N ASP A 186 2.96 21.46 -2.81
CA ASP A 186 3.17 21.60 -4.25
C ASP A 186 2.42 20.52 -5.01
N THR A 187 2.47 19.30 -4.49
CA THR A 187 1.80 18.18 -5.14
C THR A 187 0.29 18.34 -5.18
N VAL A 188 -0.31 18.74 -4.06
CA VAL A 188 -1.76 18.92 -4.05
C VAL A 188 -2.13 20.04 -5.03
N ASP A 189 -1.29 21.07 -5.13
CA ASP A 189 -1.56 22.18 -6.05
C ASP A 189 -1.63 21.70 -7.49
N ARG A 190 -0.69 20.85 -7.88
CA ARG A 190 -0.63 20.34 -9.24
C ARG A 190 -1.76 19.37 -9.56
N ILE A 191 -2.29 18.71 -8.53
CA ILE A 191 -3.41 17.80 -8.72
C ILE A 191 -4.65 18.67 -8.88
N TYR A 192 -4.78 19.66 -8.00
CA TYR A 192 -5.92 20.56 -8.01
C TYR A 192 -6.10 21.31 -9.34
N ASN A 193 -5.04 21.92 -9.85
CA ASN A 193 -5.15 22.66 -11.10
C ASN A 193 -5.08 21.79 -12.35
N GLY A 194 -4.94 20.48 -12.16
CA GLY A 194 -4.90 19.57 -13.28
C GLY A 194 -3.62 19.44 -14.09
N GLU A 195 -2.51 19.96 -13.57
CA GLU A 195 -1.24 19.86 -14.28
C GLU A 195 -0.89 18.39 -14.46
N LEU A 196 -1.14 17.60 -13.42
CA LEU A 196 -0.90 16.17 -13.46
C LEU A 196 -2.21 15.50 -13.08
N ASN A 197 -2.60 14.50 -13.87
CA ASN A 197 -3.86 13.79 -13.70
C ASN A 197 -3.61 12.33 -13.32
N LEU A 198 -4.00 11.95 -12.11
CA LEU A 198 -3.78 10.58 -11.62
C LEU A 198 -4.47 9.48 -12.41
N GLU A 199 -5.70 9.71 -12.85
CA GLU A 199 -6.42 8.70 -13.62
C GLU A 199 -5.66 8.44 -14.92
N TYR A 200 -5.15 9.51 -15.53
CA TYR A 200 -4.41 9.38 -16.77
C TYR A 200 -3.11 8.63 -16.53
N ILE A 201 -2.39 9.03 -15.50
CA ILE A 201 -1.12 8.40 -15.16
C ILE A 201 -1.31 6.91 -14.87
N LYS A 202 -2.38 6.56 -14.17
CA LYS A 202 -2.65 5.16 -13.84
C LYS A 202 -2.92 4.29 -15.09
N SER A 203 -3.35 4.92 -16.18
CA SER A 203 -3.65 4.19 -17.41
C SER A 203 -2.40 3.86 -18.23
N LEU A 204 -1.30 4.54 -17.96
CA LEU A 204 -0.05 4.35 -18.69
C LEU A 204 0.64 3.02 -18.38
N ASN A 205 1.50 2.56 -19.28
CA ASN A 205 2.22 1.32 -19.03
C ASN A 205 3.19 1.59 -17.87
N ASP A 206 3.70 0.53 -17.27
CA ASP A 206 4.60 0.64 -16.12
C ASP A 206 5.71 1.69 -16.20
N ASN A 207 6.51 1.65 -17.25
CA ASN A 207 7.60 2.62 -17.35
C ASN A 207 7.16 4.07 -17.54
N GLU A 208 6.16 4.31 -18.37
CA GLU A 208 5.70 5.68 -18.58
C GLU A 208 5.01 6.22 -17.34
N CYS A 209 4.31 5.33 -16.63
CA CYS A 209 3.60 5.70 -15.40
C CYS A 209 4.65 6.17 -14.38
N HIS A 210 5.72 5.40 -14.25
CA HIS A 210 6.81 5.69 -13.32
C HIS A 210 7.40 7.07 -13.60
N GLU A 211 7.69 7.34 -14.88
CA GLU A 211 8.26 8.63 -15.26
C GLU A 211 7.35 9.81 -14.93
N GLU A 212 6.05 9.67 -15.17
CA GLU A 212 5.13 10.76 -14.87
C GLU A 212 5.05 11.01 -13.36
N LEU A 213 5.03 9.94 -12.56
CA LEU A 213 4.97 10.09 -11.11
C LEU A 213 6.17 10.84 -10.56
N LYS A 214 7.34 10.66 -11.17
CA LYS A 214 8.54 11.34 -10.70
C LYS A 214 8.48 12.85 -10.94
N LYS A 215 7.49 13.32 -11.68
CA LYS A 215 7.38 14.76 -11.91
C LYS A 215 6.95 15.47 -10.63
N PHE A 216 6.28 14.75 -9.73
CA PHE A 216 5.83 15.32 -8.46
C PHE A 216 7.01 15.57 -7.51
N MET A 217 7.01 16.73 -6.85
N MET A 217 7.02 16.73 -6.86
CA MET A 217 8.06 17.04 -5.91
CA MET A 217 8.09 17.03 -5.93
C MET A 217 7.95 16.08 -4.72
C MET A 217 7.96 16.11 -4.71
N GLY A 218 9.07 15.50 -4.31
CA GLY A 218 9.06 14.58 -3.18
C GLY A 218 8.98 13.14 -3.64
N VAL A 219 8.80 12.95 -4.94
CA VAL A 219 8.71 11.60 -5.50
C VAL A 219 9.93 11.25 -6.34
N GLY A 220 10.68 10.24 -5.90
CA GLY A 220 11.86 9.80 -6.64
C GLY A 220 11.58 8.40 -7.18
N PRO A 221 12.60 7.62 -7.54
CA PRO A 221 12.42 6.26 -8.07
C PRO A 221 11.72 5.29 -7.12
N GLN A 222 12.05 5.37 -5.84
N GLN A 222 12.05 5.38 -5.84
CA GLN A 222 11.47 4.49 -4.82
CA GLN A 222 11.48 4.50 -4.83
C GLN A 222 10.01 4.83 -4.52
C GLN A 222 10.02 4.83 -4.52
N VAL A 223 9.73 6.11 -4.26
CA VAL A 223 8.37 6.52 -3.96
C VAL A 223 7.48 6.30 -5.18
N ALA A 224 8.00 6.57 -6.38
CA ALA A 224 7.23 6.38 -7.60
C ALA A 224 6.84 4.90 -7.75
N ASP A 225 7.78 4.00 -7.50
CA ASP A 225 7.48 2.57 -7.60
C ASP A 225 6.43 2.15 -6.58
N CYS A 226 6.52 2.68 -5.36
CA CYS A 226 5.53 2.36 -4.34
C CYS A 226 4.16 2.82 -4.79
N ILE A 227 4.08 4.05 -5.28
CA ILE A 227 2.80 4.58 -5.72
C ILE A 227 2.18 3.76 -6.85
N MET A 228 2.96 3.47 -7.90
CA MET A 228 2.36 2.72 -9.00
C MET A 228 2.04 1.28 -8.64
N LEU A 229 2.80 0.70 -7.71
CA LEU A 229 2.54 -0.68 -7.30
C LEU A 229 1.29 -0.76 -6.43
N PHE A 230 1.26 0.06 -5.38
CA PHE A 230 0.17 0.05 -4.41
C PHE A 230 -1.16 0.68 -4.82
N SER A 231 -1.15 1.56 -5.82
CA SER A 231 -2.39 2.21 -6.25
C SER A 231 -2.68 2.14 -7.75
N MET A 232 -1.73 1.63 -8.53
CA MET A 232 -1.94 1.57 -9.97
C MET A 232 -1.69 0.20 -10.59
N GLN A 233 -1.43 -0.78 -9.74
CA GLN A 233 -1.20 -2.16 -10.17
C GLN A 233 -0.15 -2.33 -11.27
N LYS A 234 0.95 -1.59 -11.17
CA LYS A 234 2.03 -1.70 -12.15
C LYS A 234 3.02 -2.64 -11.47
N TYR A 235 2.83 -3.94 -11.67
CA TYR A 235 3.65 -4.94 -11.00
C TYR A 235 5.11 -5.12 -11.35
N SER A 236 5.62 -4.38 -12.34
CA SER A 236 7.04 -4.50 -12.66
C SER A 236 7.82 -3.53 -11.77
N ALA A 237 7.08 -2.82 -10.91
CA ALA A 237 7.72 -1.88 -9.99
C ALA A 237 8.62 -2.65 -9.02
N PHE A 238 9.72 -2.02 -8.61
CA PHE A 238 10.61 -2.65 -7.65
C PHE A 238 11.16 -1.55 -6.75
N PRO A 239 10.35 -1.10 -5.78
CA PRO A 239 10.79 -0.03 -4.87
C PRO A 239 11.94 -0.44 -3.95
N VAL A 240 13.08 0.21 -4.13
CA VAL A 240 14.25 -0.09 -3.33
C VAL A 240 14.46 0.91 -2.20
N ASP A 241 13.99 0.56 -1.01
CA ASP A 241 14.16 1.41 0.17
C ASP A 241 15.32 0.79 0.94
N THR A 242 15.53 1.22 2.17
CA THR A 242 16.63 0.68 2.96
C THR A 242 16.53 -0.84 3.17
N TRP A 243 15.32 -1.33 3.43
CA TRP A 243 15.13 -2.76 3.67
C TRP A 243 15.32 -3.65 2.45
N VAL A 244 14.78 -3.22 1.31
CA VAL A 244 14.94 -3.99 0.08
C VAL A 244 16.41 -3.96 -0.32
N LYS A 245 17.08 -2.84 -0.09
CA LYS A 245 18.50 -2.72 -0.41
C LYS A 245 19.25 -3.81 0.38
N LYS A 246 18.96 -3.89 1.68
CA LYS A 246 19.61 -4.88 2.53
C LYS A 246 19.34 -6.30 2.06
N ALA A 247 18.08 -6.57 1.70
CA ALA A 247 17.71 -7.90 1.23
C ALA A 247 18.46 -8.27 -0.05
N MET A 248 18.57 -7.32 -0.97
CA MET A 248 19.26 -7.57 -2.22
C MET A 248 20.77 -7.74 -2.04
N MET A 249 21.34 -7.04 -1.07
CA MET A 249 22.77 -7.15 -0.83
C MET A 249 23.10 -8.47 -0.12
N SER A 250 22.10 -9.06 0.52
CA SER A 250 22.31 -10.32 1.20
C SER A 250 22.22 -11.49 0.22
N LEU A 251 21.43 -11.31 -0.83
CA LEU A 251 21.20 -12.37 -1.81
C LEU A 251 21.76 -12.25 -3.22
N TYR A 252 21.64 -11.07 -3.81
CA TYR A 252 22.03 -10.87 -5.20
C TYR A 252 23.14 -9.92 -5.61
N VAL A 253 23.33 -8.83 -4.87
CA VAL A 253 24.33 -7.85 -5.25
C VAL A 253 25.37 -7.48 -4.20
N ALA A 254 26.46 -6.86 -4.65
CA ALA A 254 27.54 -6.43 -3.78
C ALA A 254 27.14 -5.20 -2.97
N PRO A 255 27.84 -4.95 -1.85
CA PRO A 255 27.57 -3.80 -0.97
C PRO A 255 27.78 -2.40 -1.52
N ASP A 256 28.44 -2.28 -2.67
CA ASP A 256 28.70 -0.96 -3.25
C ASP A 256 27.87 -0.65 -4.49
N VAL A 257 26.84 -1.45 -4.75
CA VAL A 257 25.99 -1.24 -5.91
C VAL A 257 24.95 -0.15 -5.61
N SER A 258 24.75 0.77 -6.55
CA SER A 258 23.80 1.86 -6.38
C SER A 258 22.36 1.39 -6.35
N LEU A 259 21.48 2.22 -5.80
CA LEU A 259 20.07 1.87 -5.72
C LEU A 259 19.45 1.70 -7.10
N LYS A 260 19.92 2.50 -8.06
CA LYS A 260 19.40 2.39 -9.43
C LYS A 260 19.77 1.05 -10.03
N LYS A 261 21.01 0.62 -9.78
CA LYS A 261 21.47 -0.66 -10.31
C LYS A 261 20.71 -1.81 -9.65
N ILE A 262 20.36 -1.63 -8.37
CA ILE A 262 19.62 -2.66 -7.65
C ILE A 262 18.21 -2.75 -8.23
N ARG A 263 17.61 -1.59 -8.50
CA ARG A 263 16.27 -1.57 -9.08
C ARG A 263 16.28 -2.25 -10.45
N ASP A 264 17.23 -1.87 -11.30
CA ASP A 264 17.30 -2.46 -12.64
C ASP A 264 17.54 -3.97 -12.59
N PHE A 265 18.37 -4.40 -11.64
CA PHE A 265 18.68 -5.81 -11.48
C PHE A 265 17.41 -6.57 -11.10
N GLY A 266 16.69 -6.04 -10.12
CA GLY A 266 15.46 -6.68 -9.68
C GLY A 266 14.39 -6.77 -10.75
N ARG A 267 14.16 -5.67 -11.47
CA ARG A 267 13.15 -5.66 -12.52
C ARG A 267 13.51 -6.60 -13.66
N GLU A 268 14.81 -6.70 -13.97
CA GLU A 268 15.24 -7.59 -15.04
C GLU A 268 15.03 -9.04 -14.65
N LYS A 269 15.34 -9.36 -13.40
CA LYS A 269 15.21 -10.73 -12.92
C LYS A 269 13.78 -11.20 -12.65
N PHE A 270 13.00 -10.36 -11.98
CA PHE A 270 11.64 -10.73 -11.61
C PHE A 270 10.54 -10.33 -12.60
N GLY A 271 10.87 -9.47 -13.56
CA GLY A 271 9.90 -9.05 -14.55
C GLY A 271 8.56 -8.55 -14.03
N SER A 272 7.47 -9.10 -14.56
CA SER A 272 6.12 -8.69 -14.16
C SER A 272 5.76 -9.06 -12.73
N LEU A 273 6.62 -9.80 -12.04
CA LEU A 273 6.35 -10.16 -10.66
C LEU A 273 7.25 -9.39 -9.69
N SER A 274 7.98 -8.41 -10.21
CA SER A 274 8.90 -7.63 -9.40
C SER A 274 8.26 -7.04 -8.14
N GLY A 275 7.07 -6.47 -8.29
CA GLY A 275 6.40 -5.86 -7.15
C GLY A 275 6.13 -6.82 -6.01
N PHE A 276 5.73 -8.04 -6.37
CA PHE A 276 5.44 -9.06 -5.37
C PHE A 276 6.74 -9.53 -4.73
N ALA A 277 7.75 -9.79 -5.56
CA ALA A 277 9.04 -10.22 -5.04
C ALA A 277 9.54 -9.18 -4.04
N GLN A 278 9.38 -7.91 -4.38
CA GLN A 278 9.82 -6.83 -3.49
C GLN A 278 9.11 -6.87 -2.14
N GLN A 279 7.81 -7.14 -2.16
CA GLN A 279 7.07 -7.15 -0.90
C GLN A 279 7.50 -8.27 0.02
N TYR A 280 7.71 -9.46 -0.53
CA TYR A 280 8.14 -10.58 0.30
C TYR A 280 9.53 -10.24 0.86
N LEU A 281 10.40 -9.69 0.03
CA LEU A 281 11.74 -9.33 0.47
C LEU A 281 11.70 -8.28 1.57
N PHE A 282 10.93 -7.22 1.36
CA PHE A 282 10.80 -6.13 2.33
C PHE A 282 10.34 -6.63 3.70
N TYR A 283 9.23 -7.37 3.69
CA TYR A 283 8.63 -7.89 4.91
C TYR A 283 9.59 -8.77 5.71
N TYR A 284 10.28 -9.67 5.03
CA TYR A 284 11.23 -10.57 5.69
C TYR A 284 12.39 -9.78 6.28
N ALA A 285 12.94 -8.87 5.50
CA ALA A 285 14.08 -8.06 5.95
C ALA A 285 13.76 -7.20 7.16
N ARG A 286 12.65 -6.48 7.10
CA ARG A 286 12.27 -5.59 8.19
C ARG A 286 11.88 -6.30 9.49
N GLU A 287 11.05 -7.34 9.36
CA GLU A 287 10.60 -8.08 10.53
C GLU A 287 11.72 -8.82 11.24
N ASN A 288 12.70 -9.28 10.48
CA ASN A 288 13.83 -10.00 11.05
C ASN A 288 15.04 -9.08 11.26
N ASN A 289 14.81 -7.78 11.07
CA ASN A 289 15.85 -6.77 11.24
C ASN A 289 17.22 -7.22 10.76
N ILE A 290 17.30 -7.57 9.47
CA ILE A 290 18.57 -8.01 8.91
C ILE A 290 19.51 -6.81 8.76
#